data_7NC7
#
_entry.id   7NC7
#
_cell.length_a   71.970
_cell.length_b   98.260
_cell.length_c   139.370
_cell.angle_alpha   90.000
_cell.angle_beta   90.000
_cell.angle_gamma   90.000
#
_symmetry.space_group_name_H-M   'C 2 2 21'
#
loop_
_entity.id
_entity.type
_entity.pdbx_description
1 polymer 'Fructose-bisphosphate aldolase'
2 non-polymer 1,3-DIHYDROXYACETONEPHOSPHATE
3 water water
#
_entity_poly.entity_id   1
_entity_poly.type   'polypeptide(L)'
_entity_poly.pdbx_seq_one_letter_code
;MPLVSMTEMLNKAKAEGYAVGQFNLNNLEFTQAILLAAEEEKSPVILGVSEGAGRYMGGFKTVVNMVKGLMEDYKITVPV
AIHLDHGSSFEKCKEVIDAGFTSVMIDASHHPFEENVEVTKKVVEYAHARGVSVEAELGTVGGQEDDVIADGVIYADPKE
CEELVKRTGIDCLAPALGSVHGPYKGEPNLGFKEMEEIGRITGVPLVLHGGTGIPTKDIQRAISLGTAKINVNTENQIAS
AKKVREVLAENPNMYDPRKYLGPARDAIKETVIGKMREFGSSGKA
;
_entity_poly.pdbx_strand_id   A,B
#
loop_
_chem_comp.id
_chem_comp.type
_chem_comp.name
_chem_comp.formula
13P non-polymer 1,3-DIHYDROXYACETONEPHOSPHATE 'C3 H7 O6 P'
#
# COMPACT_ATOMS: atom_id res chain seq x y z
N MET A 1 10.92 16.12 -7.81
CA MET A 1 9.88 16.84 -7.02
C MET A 1 9.64 16.07 -5.72
N PRO A 2 10.46 16.31 -4.68
CA PRO A 2 10.23 15.71 -3.36
C PRO A 2 9.00 16.28 -2.61
N LEU A 3 8.82 15.87 -1.36
CA LEU A 3 7.70 16.33 -0.52
C LEU A 3 8.01 17.69 0.07
N VAL A 4 6.96 18.42 0.42
CA VAL A 4 7.06 19.80 0.97
C VAL A 4 6.25 19.87 2.27
N SER A 5 6.54 20.87 3.08
CA SER A 5 5.79 21.19 4.32
C SER A 5 4.46 21.84 3.92
N MET A 6 3.63 22.13 4.91
CA MET A 6 2.34 22.79 4.67
C MET A 6 2.53 24.31 4.63
N THR A 7 3.65 24.83 5.16
CA THR A 7 3.78 26.27 5.49
C THR A 7 3.51 27.13 4.26
N GLU A 8 4.22 26.87 3.15
CA GLU A 8 4.11 27.76 1.96
C GLU A 8 2.74 27.55 1.30
N MET A 9 2.31 26.31 1.11
CA MET A 9 1.03 26.06 0.39
C MET A 9 -0.12 26.68 1.20
N LEU A 10 -0.07 26.64 2.52
CA LEU A 10 -1.19 27.13 3.35
C LEU A 10 -1.19 28.65 3.37
N ASN A 11 -0.02 29.28 3.45
CA ASN A 11 0.09 30.76 3.46
C ASN A 11 -0.38 31.29 2.11
N LYS A 12 -0.01 30.59 1.04
CA LYS A 12 -0.39 30.99 -0.34
C LYS A 12 -1.92 30.84 -0.50
N ALA A 13 -2.50 29.79 0.06
CA ALA A 13 -3.95 29.51 -0.04
C ALA A 13 -4.68 30.62 0.73
N LYS A 14 -4.19 30.97 1.91
CA LYS A 14 -4.85 32.02 2.74
C LYS A 14 -4.83 33.34 1.97
N ALA A 15 -3.70 33.71 1.37
CA ALA A 15 -3.53 35.00 0.68
C ALA A 15 -4.42 35.04 -0.56
N GLU A 16 -4.55 33.92 -1.27
CA GLU A 16 -5.24 33.87 -2.59
C GLU A 16 -6.75 33.63 -2.41
N GLY A 17 -7.19 33.20 -1.22
CA GLY A 17 -8.61 32.97 -0.89
C GLY A 17 -9.13 31.60 -1.31
N TYR A 18 -8.29 30.55 -1.34
CA TYR A 18 -8.75 29.14 -1.49
C TYR A 18 -8.27 28.32 -0.29
N ALA A 19 -8.67 27.05 -0.25
CA ALA A 19 -8.19 26.09 0.77
C ALA A 19 -7.56 24.87 0.10
N VAL A 20 -6.61 24.25 0.78
CA VAL A 20 -6.00 22.96 0.36
C VAL A 20 -6.69 21.84 1.15
N GLY A 21 -7.10 20.80 0.44
CA GLY A 21 -7.69 19.60 1.04
C GLY A 21 -6.61 18.71 1.62
N GLN A 22 -6.77 18.40 2.90
CA GLN A 22 -6.14 17.21 3.50
C GLN A 22 -7.11 16.08 3.25
N PHE A 23 -6.68 15.04 2.55
CA PHE A 23 -7.49 13.84 2.31
C PHE A 23 -6.75 12.71 2.99
N ASN A 24 -7.49 11.93 3.77
CA ASN A 24 -6.85 10.96 4.69
C ASN A 24 -6.49 9.68 3.93
N LEU A 25 -5.31 9.14 4.23
CA LEU A 25 -4.82 7.89 3.63
C LEU A 25 -5.31 6.75 4.51
N ASN A 26 -5.90 5.72 3.90
CA ASN A 26 -6.36 4.49 4.61
C ASN A 26 -5.62 3.27 4.07
N ASN A 27 -5.21 3.28 2.80
CA ASN A 27 -4.42 2.19 2.20
C ASN A 27 -3.84 2.66 0.87
N LEU A 28 -3.33 1.73 0.07
CA LEU A 28 -2.66 2.04 -1.21
C LEU A 28 -3.68 2.70 -2.15
N GLU A 29 -4.86 2.12 -2.32
CA GLU A 29 -5.87 2.64 -3.29
C GLU A 29 -6.23 4.07 -2.90
N PHE A 30 -6.39 4.35 -1.62
CA PHE A 30 -6.72 5.72 -1.14
C PHE A 30 -5.62 6.71 -1.58
N THR A 31 -4.36 6.36 -1.31
CA THR A 31 -3.19 7.22 -1.58
C THR A 31 -3.11 7.45 -3.08
N GLN A 32 -3.24 6.37 -3.86
CA GLN A 32 -3.25 6.44 -5.34
C GLN A 32 -4.32 7.43 -5.80
N ALA A 33 -5.55 7.24 -5.31
CA ALA A 33 -6.69 8.08 -5.71
C ALA A 33 -6.36 9.55 -5.46
N ILE A 34 -5.89 9.87 -4.26
CA ILE A 34 -5.72 11.28 -3.84
C ILE A 34 -4.62 11.91 -4.69
N LEU A 35 -3.50 11.23 -4.90
CA LEU A 35 -2.36 11.79 -5.66
C LEU A 35 -2.77 11.96 -7.12
N LEU A 36 -3.52 10.99 -7.66
CA LEU A 36 -3.92 11.06 -9.09
C LEU A 36 -4.88 12.24 -9.26
N ALA A 37 -5.78 12.46 -8.29
CA ALA A 37 -6.73 13.59 -8.32
C ALA A 37 -5.94 14.91 -8.28
N ALA A 38 -4.98 15.03 -7.37
CA ALA A 38 -4.14 16.23 -7.26
C ALA A 38 -3.46 16.53 -8.60
N GLU A 39 -2.79 15.52 -9.19
CA GLU A 39 -2.06 15.69 -10.47
C GLU A 39 -3.05 16.07 -11.58
N GLU A 40 -4.17 15.35 -11.71
CA GLU A 40 -5.21 15.67 -12.73
C GLU A 40 -5.67 17.12 -12.56
N GLU A 41 -5.82 17.61 -11.33
CA GLU A 41 -6.39 18.95 -11.04
C GLU A 41 -5.30 20.01 -10.98
N LYS A 42 -4.02 19.62 -11.06
CA LYS A 42 -2.88 20.56 -10.90
C LYS A 42 -3.15 21.40 -9.66
N SER A 43 -3.34 20.71 -8.53
CA SER A 43 -3.72 21.29 -7.24
C SER A 43 -2.76 20.78 -6.19
N PRO A 44 -2.30 21.63 -5.24
CA PRO A 44 -1.61 21.13 -4.05
C PRO A 44 -2.56 20.21 -3.26
N VAL A 45 -1.99 19.33 -2.45
CA VAL A 45 -2.77 18.37 -1.63
C VAL A 45 -2.00 18.04 -0.35
N ILE A 46 -2.73 17.66 0.70
CA ILE A 46 -2.14 17.19 1.97
C ILE A 46 -2.65 15.77 2.21
N LEU A 47 -1.75 14.83 2.35
CA LEU A 47 -2.08 13.43 2.65
C LEU A 47 -2.14 13.28 4.17
N GLY A 48 -3.34 13.28 4.73
CA GLY A 48 -3.56 13.10 6.17
C GLY A 48 -3.40 11.66 6.59
N VAL A 49 -2.79 11.43 7.74
CA VAL A 49 -2.60 10.08 8.33
C VAL A 49 -2.92 10.18 9.81
N SER A 50 -4.05 9.62 10.24
CA SER A 50 -4.34 9.40 11.66
C SER A 50 -3.36 8.36 12.23
N GLU A 51 -3.28 8.30 13.55
CA GLU A 51 -2.48 7.30 14.32
C GLU A 51 -3.00 5.90 13.97
N GLY A 52 -4.32 5.73 14.02
CA GLY A 52 -5.02 4.47 13.70
C GLY A 52 -4.67 3.98 12.30
N ALA A 53 -4.80 4.86 11.31
CA ALA A 53 -4.54 4.57 9.88
C ALA A 53 -3.07 4.20 9.72
N GLY A 54 -2.17 5.01 10.28
CA GLY A 54 -0.73 4.72 10.29
C GLY A 54 -0.45 3.29 10.72
N ARG A 55 -1.02 2.85 11.85
CA ARG A 55 -0.83 1.45 12.33
C ARG A 55 -1.49 0.49 11.32
N TYR A 56 -2.70 0.80 10.86
CA TYR A 56 -3.43 -0.11 9.94
C TYR A 56 -2.60 -0.35 8.67
N MET A 57 -1.92 0.68 8.18
CA MET A 57 -1.09 0.62 6.96
C MET A 57 0.32 0.09 7.28
N GLY A 58 0.51 -0.48 8.48
CA GLY A 58 1.75 -1.19 8.87
C GLY A 58 2.69 -0.33 9.70
N GLY A 59 2.73 0.97 9.45
CA GLY A 59 3.58 1.93 10.20
C GLY A 59 3.85 3.18 9.41
N PHE A 60 4.45 4.17 10.06
CA PHE A 60 4.62 5.50 9.44
C PHE A 60 5.68 5.43 8.34
N LYS A 61 6.70 4.60 8.53
CA LYS A 61 7.76 4.40 7.49
C LYS A 61 7.17 3.78 6.23
N THR A 62 6.33 2.77 6.38
CA THR A 62 5.59 2.17 5.25
C THR A 62 4.79 3.26 4.54
N VAL A 63 4.13 4.14 5.27
CA VAL A 63 3.25 5.18 4.64
C VAL A 63 4.13 6.13 3.81
N VAL A 64 5.22 6.61 4.38
CA VAL A 64 6.13 7.54 3.65
C VAL A 64 6.71 6.80 2.44
N ASN A 65 7.14 5.55 2.60
CA ASN A 65 7.75 4.77 1.51
C ASN A 65 6.76 4.64 0.36
N MET A 66 5.53 4.24 0.68
CA MET A 66 4.45 4.04 -0.32
C MET A 66 4.17 5.39 -1.03
N VAL A 67 4.17 6.49 -0.30
CA VAL A 67 3.89 7.83 -0.90
C VAL A 67 5.04 8.23 -1.83
N LYS A 68 6.29 8.10 -1.40
CA LYS A 68 7.49 8.39 -2.22
C LYS A 68 7.43 7.57 -3.53
N GLY A 69 7.16 6.27 -3.40
CA GLY A 69 7.02 5.34 -4.52
C GLY A 69 6.00 5.83 -5.51
N LEU A 70 4.80 6.18 -5.04
CA LEU A 70 3.72 6.63 -5.95
C LEU A 70 4.12 7.94 -6.60
N MET A 71 4.75 8.83 -5.85
CA MET A 71 5.16 10.16 -6.39
C MET A 71 6.17 10.01 -7.52
N GLU A 72 7.08 9.03 -7.43
N GLU A 72 7.08 9.03 -7.41
CA GLU A 72 8.04 8.74 -8.53
CA GLU A 72 8.04 8.70 -8.49
C GLU A 72 7.31 7.96 -9.65
C GLU A 72 7.32 7.97 -9.62
N ASP A 73 6.53 6.94 -9.30
CA ASP A 73 5.86 6.07 -10.30
C ASP A 73 4.80 6.84 -11.08
N TYR A 74 4.08 7.76 -10.43
CA TYR A 74 3.05 8.59 -11.09
C TYR A 74 3.66 9.88 -11.60
N LYS A 75 4.95 10.12 -11.37
CA LYS A 75 5.62 11.39 -11.76
C LYS A 75 4.71 12.56 -11.34
N ILE A 76 4.52 12.72 -10.04
CA ILE A 76 3.68 13.80 -9.48
C ILE A 76 4.50 15.08 -9.51
N THR A 77 3.89 16.19 -9.93
CA THR A 77 4.55 17.51 -10.10
C THR A 77 3.96 18.54 -9.15
N VAL A 78 2.76 18.31 -8.63
CA VAL A 78 2.05 19.27 -7.74
C VAL A 78 2.65 19.16 -6.35
N PRO A 79 2.62 20.22 -5.52
CA PRO A 79 3.10 20.13 -4.14
C PRO A 79 2.33 19.07 -3.32
N VAL A 80 3.06 18.24 -2.56
CA VAL A 80 2.45 17.15 -1.73
C VAL A 80 3.08 17.16 -0.35
N ALA A 81 2.24 17.29 0.69
CA ALA A 81 2.66 17.19 2.10
C ALA A 81 2.16 15.88 2.70
N ILE A 82 2.96 15.33 3.61
CA ILE A 82 2.54 14.17 4.43
C ILE A 82 2.42 14.64 5.86
N HIS A 83 1.18 14.62 6.36
CA HIS A 83 0.80 15.33 7.61
C HIS A 83 0.20 14.33 8.59
N LEU A 84 0.72 14.28 9.80
CA LEU A 84 0.12 13.48 10.90
C LEU A 84 -1.12 14.22 11.37
N ASP A 85 -2.26 13.56 11.29
CA ASP A 85 -3.54 14.08 11.84
C ASP A 85 -3.62 13.74 13.33
N HIS A 86 -3.80 14.78 14.16
N HIS A 86 -3.82 14.76 14.17
CA HIS A 86 -4.03 14.69 15.62
CA HIS A 86 -4.08 14.59 15.63
C HIS A 86 -2.89 13.93 16.30
C HIS A 86 -2.89 13.89 16.31
N GLY A 87 -1.71 14.54 16.32
CA GLY A 87 -0.60 14.10 17.19
C GLY A 87 -0.94 14.33 18.66
N SER A 88 -0.90 13.27 19.47
CA SER A 88 -1.26 13.26 20.91
C SER A 88 -0.11 13.78 21.77
N SER A 89 1.16 13.67 21.34
CA SER A 89 2.33 13.95 22.20
C SER A 89 3.55 14.36 21.36
N PHE A 90 4.58 14.86 22.02
CA PHE A 90 5.87 15.16 21.35
C PHE A 90 6.46 13.85 20.79
N GLU A 91 6.37 12.76 21.55
CA GLU A 91 6.97 11.45 21.19
C GLU A 91 6.39 10.96 19.85
N LYS A 92 5.06 11.03 19.71
CA LYS A 92 4.37 10.62 18.47
C LYS A 92 4.82 11.50 17.29
N CYS A 93 4.87 12.82 17.50
CA CYS A 93 5.25 13.78 16.43
C CYS A 93 6.69 13.49 16.00
N LYS A 94 7.57 13.20 16.96
CA LYS A 94 9.00 12.89 16.67
C LYS A 94 9.09 11.58 15.88
N GLU A 95 8.37 10.54 16.31
CA GLU A 95 8.31 9.23 15.60
C GLU A 95 7.90 9.47 14.14
N VAL A 96 6.82 10.21 13.97
CA VAL A 96 6.21 10.49 12.64
C VAL A 96 7.21 11.29 11.79
N ILE A 97 7.90 12.28 12.37
CA ILE A 97 8.88 13.13 11.63
C ILE A 97 10.10 12.27 11.24
N ASP A 98 10.56 11.42 12.16
CA ASP A 98 11.72 10.53 11.90
C ASP A 98 11.36 9.56 10.76
N ALA A 99 10.08 9.22 10.61
CA ALA A 99 9.61 8.31 9.52
C ALA A 99 9.70 9.03 8.16
N GLY A 100 9.64 10.36 8.14
CA GLY A 100 9.75 11.16 6.91
C GLY A 100 8.50 11.96 6.60
N PHE A 101 7.62 12.17 7.58
CA PHE A 101 6.50 13.13 7.44
C PHE A 101 7.04 14.54 7.23
N THR A 102 6.31 15.38 6.51
CA THR A 102 6.70 16.80 6.27
C THR A 102 5.85 17.72 7.16
N SER A 103 4.99 17.17 8.02
CA SER A 103 3.98 17.97 8.74
C SER A 103 3.38 17.15 9.87
N VAL A 104 3.11 17.83 10.96
CA VAL A 104 2.46 17.20 12.14
C VAL A 104 1.46 18.18 12.71
N MET A 105 0.38 17.62 13.23
CA MET A 105 -0.53 18.33 14.13
C MET A 105 -0.27 17.83 15.54
N ILE A 106 -0.03 18.74 16.47
CA ILE A 106 0.05 18.42 17.93
C ILE A 106 -1.16 19.05 18.60
N ASP A 107 -1.97 18.23 19.25
CA ASP A 107 -3.07 18.72 20.12
C ASP A 107 -2.74 18.34 21.54
N ALA A 108 -2.28 19.31 22.33
CA ALA A 108 -2.11 19.18 23.80
C ALA A 108 -3.16 20.02 24.52
N SER A 109 -4.37 20.11 24.00
CA SER A 109 -5.47 20.88 24.63
C SER A 109 -5.91 20.18 25.92
N HIS A 110 -5.81 18.84 25.97
CA HIS A 110 -6.21 18.08 27.18
C HIS A 110 -5.05 18.15 28.19
N HIS A 111 -4.59 19.37 28.40
CA HIS A 111 -3.47 19.73 29.28
C HIS A 111 -3.74 21.15 29.78
N PRO A 112 -3.15 21.55 30.91
CA PRO A 112 -3.12 22.96 31.26
C PRO A 112 -2.41 23.76 30.14
N PHE A 113 -2.73 25.03 30.02
CA PHE A 113 -2.32 25.90 28.89
C PHE A 113 -0.80 26.02 28.84
N GLU A 114 -0.14 26.29 29.97
CA GLU A 114 1.33 26.48 30.02
C GLU A 114 2.03 25.18 29.61
N GLU A 115 1.51 24.03 30.07
CA GLU A 115 2.08 22.70 29.72
C GLU A 115 1.76 22.40 28.25
N ASN A 116 0.64 22.91 27.75
CA ASN A 116 0.26 22.80 26.32
C ASN A 116 1.28 23.57 25.49
N VAL A 117 1.62 24.79 25.91
CA VAL A 117 2.68 25.62 25.27
C VAL A 117 4.01 24.87 25.30
N GLU A 118 4.34 24.24 26.42
CA GLU A 118 5.59 23.42 26.56
C GLU A 118 5.63 22.39 25.44
N VAL A 119 4.58 21.58 25.32
CA VAL A 119 4.63 20.37 24.45
C VAL A 119 4.63 20.85 23.00
N THR A 120 3.76 21.82 22.67
CA THR A 120 3.64 22.32 21.28
C THR A 120 4.95 22.98 20.87
N LYS A 121 5.57 23.76 21.75
CA LYS A 121 6.81 24.50 21.43
C LYS A 121 7.96 23.48 21.22
N LYS A 122 8.02 22.44 22.05
CA LYS A 122 9.03 21.36 21.87
C LYS A 122 8.85 20.74 20.48
N VAL A 123 7.61 20.41 20.12
CA VAL A 123 7.28 19.82 18.79
C VAL A 123 7.76 20.81 17.71
N VAL A 124 7.58 22.11 17.92
CA VAL A 124 7.91 23.14 16.89
C VAL A 124 9.43 23.20 16.71
N GLU A 125 10.20 23.18 17.79
CA GLU A 125 11.70 23.20 17.71
C GLU A 125 12.12 22.00 16.84
N TYR A 126 11.66 20.81 17.22
CA TYR A 126 12.07 19.54 16.58
C TYR A 126 11.71 19.59 15.10
N ALA A 127 10.50 20.02 14.77
CA ALA A 127 9.97 19.98 13.38
C ALA A 127 10.67 21.03 12.53
N HIS A 128 10.75 22.27 13.02
CA HIS A 128 11.34 23.40 12.24
C HIS A 128 12.81 23.10 11.95
N ALA A 129 13.49 22.36 12.82
CA ALA A 129 14.87 21.89 12.56
C ALA A 129 14.91 21.03 11.28
N ARG A 130 13.77 20.44 10.87
CA ARG A 130 13.74 19.43 9.79
C ARG A 130 12.85 19.88 8.62
N GLY A 131 12.46 21.15 8.56
CA GLY A 131 11.63 21.69 7.48
C GLY A 131 10.23 21.13 7.53
N VAL A 132 9.77 20.77 8.73
CA VAL A 132 8.43 20.17 8.94
C VAL A 132 7.50 21.23 9.52
N SER A 133 6.30 21.32 8.96
CA SER A 133 5.26 22.27 9.43
C SER A 133 4.61 21.70 10.69
N VAL A 134 4.07 22.60 11.52
CA VAL A 134 3.35 22.19 12.75
C VAL A 134 1.97 22.83 12.77
N GLU A 135 0.94 22.00 12.92
CA GLU A 135 -0.44 22.43 13.23
C GLU A 135 -0.65 22.20 14.73
N ALA A 136 -1.43 23.08 15.36
CA ALA A 136 -1.92 22.89 16.74
C ALA A 136 -3.43 23.07 16.79
N GLU A 137 -4.06 22.40 17.75
CA GLU A 137 -5.53 22.39 17.91
C GLU A 137 -5.87 22.87 19.31
N LEU A 138 -6.86 23.74 19.40
CA LEU A 138 -7.53 24.10 20.68
C LEU A 138 -9.03 23.90 20.50
N GLY A 139 -9.71 23.69 21.62
CA GLY A 139 -11.07 23.16 21.66
C GLY A 139 -11.08 21.72 21.22
N THR A 140 -12.27 21.13 21.14
CA THR A 140 -12.45 19.71 20.78
C THR A 140 -13.41 19.60 19.60
N VAL A 141 -13.04 18.79 18.62
CA VAL A 141 -13.92 18.49 17.45
C VAL A 141 -14.80 17.29 17.83
N GLY A 142 -16.09 17.37 17.55
CA GLY A 142 -17.07 16.33 17.89
C GLY A 142 -16.87 15.08 17.05
N GLY A 143 -17.55 13.98 17.43
CA GLY A 143 -17.48 12.68 16.72
C GLY A 143 -18.86 12.08 16.47
N GLY A 152 -19.11 15.85 22.11
CA GLY A 152 -18.00 16.47 22.86
C GLY A 152 -17.43 17.66 22.13
N VAL A 153 -18.20 18.73 21.97
CA VAL A 153 -17.80 19.94 21.20
C VAL A 153 -17.54 21.08 22.17
N ILE A 154 -16.29 21.52 22.27
CA ILE A 154 -15.90 22.69 23.11
C ILE A 154 -15.19 23.70 22.23
N TYR A 155 -15.74 24.91 22.12
CA TYR A 155 -15.20 25.99 21.25
C TYR A 155 -13.81 26.35 21.77
N ALA A 156 -12.93 26.73 20.85
CA ALA A 156 -11.58 27.23 21.17
C ALA A 156 -11.71 28.66 21.71
N ASP A 157 -10.94 28.99 22.75
CA ASP A 157 -10.87 30.36 23.31
C ASP A 157 -9.92 31.18 22.44
N PRO A 158 -10.39 32.29 21.82
CA PRO A 158 -9.57 33.10 20.91
C PRO A 158 -8.27 33.64 21.51
N LYS A 159 -8.27 34.06 22.78
CA LYS A 159 -7.05 34.60 23.43
C LYS A 159 -6.09 33.44 23.73
N GLU A 160 -6.61 32.26 24.05
CA GLU A 160 -5.80 31.02 24.15
C GLU A 160 -5.15 30.75 22.78
N CYS A 161 -5.92 30.84 21.69
CA CYS A 161 -5.43 30.63 20.31
C CYS A 161 -4.29 31.60 20.02
N GLU A 162 -4.51 32.88 20.31
CA GLU A 162 -3.55 33.97 20.04
C GLU A 162 -2.26 33.73 20.83
N GLU A 163 -2.38 33.52 22.14
CA GLU A 163 -1.20 33.33 23.04
C GLU A 163 -0.45 32.08 22.59
N LEU A 164 -1.16 30.99 22.25
CA LEU A 164 -0.49 29.73 21.81
C LEU A 164 0.32 29.97 20.54
N VAL A 165 -0.27 30.65 19.55
CA VAL A 165 0.46 30.94 18.29
C VAL A 165 1.69 31.82 18.61
N LYS A 166 1.48 32.92 19.33
CA LYS A 166 2.55 33.89 19.67
C LYS A 166 3.69 33.14 20.37
N ARG A 167 3.38 32.20 21.26
CA ARG A 167 4.37 31.59 22.17
C ARG A 167 5.10 30.40 21.55
N THR A 168 4.51 29.72 20.59
CA THR A 168 5.06 28.43 20.08
C THR A 168 5.73 28.62 18.72
N GLY A 169 5.22 29.51 17.85
CA GLY A 169 5.69 29.65 16.46
C GLY A 169 5.09 28.59 15.54
N ILE A 170 3.94 28.02 15.85
CA ILE A 170 3.23 27.09 14.92
C ILE A 170 2.92 27.82 13.61
N ASP A 171 2.86 27.07 12.52
CA ASP A 171 2.67 27.62 11.15
C ASP A 171 1.18 27.73 10.82
N CYS A 172 0.33 26.96 11.49
CA CYS A 172 -1.13 26.98 11.23
C CYS A 172 -1.88 26.56 12.49
N LEU A 173 -3.14 26.96 12.60
CA LEU A 173 -3.95 26.67 13.81
C LEU A 173 -5.25 26.04 13.41
N ALA A 174 -5.66 25.03 14.18
CA ALA A 174 -6.93 24.30 13.99
C ALA A 174 -7.84 24.61 15.18
N PRO A 175 -8.62 25.71 15.12
CA PRO A 175 -9.57 26.04 16.18
C PRO A 175 -10.89 25.27 16.01
N ALA A 176 -11.16 24.35 16.91
CA ALA A 176 -12.45 23.60 16.97
C ALA A 176 -13.55 24.61 17.32
N LEU A 177 -14.50 24.81 16.40
CA LEU A 177 -15.60 25.80 16.57
C LEU A 177 -16.92 25.18 16.11
N GLY A 178 -17.12 23.87 16.36
CA GLY A 178 -18.40 23.18 16.10
C GLY A 178 -18.28 22.02 15.13
N SER A 179 -17.08 21.80 14.57
CA SER A 179 -16.76 20.71 13.63
C SER A 179 -16.95 19.34 14.30
N VAL A 180 -17.39 18.36 13.51
CA VAL A 180 -17.64 16.96 13.99
C VAL A 180 -17.12 16.01 12.93
N HIS A 181 -16.58 14.87 13.35
CA HIS A 181 -16.11 13.80 12.43
C HIS A 181 -17.31 12.98 11.97
N GLY A 182 -17.22 12.42 10.76
CA GLY A 182 -18.30 11.62 10.14
C GLY A 182 -19.28 12.48 9.36
N PRO A 183 -20.43 11.90 8.94
CA PRO A 183 -21.46 12.62 8.18
C PRO A 183 -22.53 13.34 9.02
N PRO A 188 -25.52 22.11 10.34
CA PRO A 188 -24.14 22.58 10.57
C PRO A 188 -24.12 23.98 11.20
N ASN A 189 -23.33 24.17 12.26
CA ASN A 189 -23.41 25.38 13.15
C ASN A 189 -22.01 25.70 13.66
N LEU A 190 -21.26 26.46 12.89
CA LEU A 190 -19.84 26.76 13.22
C LEU A 190 -19.69 28.23 13.59
N GLY A 191 -18.84 28.51 14.58
CA GLY A 191 -18.70 29.85 15.18
C GLY A 191 -17.87 30.76 14.30
N PHE A 192 -18.48 31.26 13.23
CA PHE A 192 -17.77 32.14 12.29
C PHE A 192 -17.33 33.42 13.00
N LYS A 193 -18.05 33.83 14.04
CA LYS A 193 -17.64 35.08 14.73
C LYS A 193 -16.26 34.88 15.35
N GLU A 194 -16.09 33.78 16.06
CA GLU A 194 -14.83 33.43 16.76
C GLU A 194 -13.74 33.14 15.72
N MET A 195 -14.10 32.54 14.60
CA MET A 195 -13.14 32.17 13.55
C MET A 195 -12.54 33.45 12.95
N GLU A 196 -13.38 34.42 12.60
CA GLU A 196 -12.91 35.75 12.11
C GLU A 196 -11.89 36.32 13.09
N GLU A 197 -12.19 36.30 14.40
CA GLU A 197 -11.36 36.93 15.45
C GLU A 197 -10.03 36.19 15.53
N ILE A 198 -10.05 34.86 15.54
CA ILE A 198 -8.81 34.05 15.75
C ILE A 198 -7.92 34.26 14.52
N GLY A 199 -8.50 34.21 13.33
CA GLY A 199 -7.77 34.48 12.07
C GLY A 199 -7.10 35.84 12.08
N ARG A 200 -7.83 36.90 12.45
CA ARG A 200 -7.32 38.31 12.40
C ARG A 200 -6.21 38.49 13.45
N ILE A 201 -6.40 37.97 14.66
CA ILE A 201 -5.49 38.23 15.81
C ILE A 201 -4.24 37.36 15.69
N THR A 202 -4.33 36.17 15.09
CA THR A 202 -3.20 35.21 15.04
C THR A 202 -2.34 35.48 13.81
N GLY A 203 -2.96 35.83 12.68
CA GLY A 203 -2.28 36.05 11.39
C GLY A 203 -1.69 34.78 10.78
N VAL A 204 -2.26 33.60 11.08
CA VAL A 204 -1.78 32.32 10.49
C VAL A 204 -2.96 31.68 9.78
N PRO A 205 -2.70 30.86 8.75
CA PRO A 205 -3.73 30.01 8.16
C PRO A 205 -4.48 29.19 9.21
N LEU A 206 -5.80 29.14 9.08
CA LEU A 206 -6.68 28.38 10.00
C LEU A 206 -7.05 27.03 9.36
N VAL A 207 -7.30 26.04 10.21
CA VAL A 207 -7.55 24.65 9.78
C VAL A 207 -8.93 24.24 10.26
N LEU A 208 -9.69 23.57 9.39
CA LEU A 208 -11.08 23.15 9.64
C LEU A 208 -11.16 21.63 9.57
N HIS A 209 -11.40 21.00 10.71
CA HIS A 209 -11.60 19.54 10.83
C HIS A 209 -13.06 19.20 10.52
N GLY A 210 -13.35 17.92 10.32
CA GLY A 210 -14.71 17.42 10.07
C GLY A 210 -15.30 17.90 8.75
N GLY A 211 -14.47 18.03 7.70
CA GLY A 211 -14.86 18.59 6.39
C GLY A 211 -16.07 17.91 5.78
N THR A 212 -16.24 16.61 6.07
CA THR A 212 -17.26 15.77 5.42
C THR A 212 -18.70 16.34 5.51
N GLY A 213 -19.29 16.48 6.69
CA GLY A 213 -20.69 16.99 6.64
C GLY A 213 -20.87 18.43 6.13
N ILE A 214 -20.07 19.37 6.63
CA ILE A 214 -20.13 20.85 6.39
C ILE A 214 -20.53 21.16 4.96
N PRO A 215 -21.71 21.97 4.53
CA PRO A 215 -22.23 22.33 3.22
C PRO A 215 -21.40 23.44 2.56
N THR A 216 -21.57 23.59 1.25
CA THR A 216 -20.72 24.46 0.41
C THR A 216 -20.70 25.88 0.97
N LYS A 217 -21.85 26.37 1.45
CA LYS A 217 -21.96 27.78 1.91
C LYS A 217 -21.05 27.97 3.13
N ASP A 218 -21.13 27.06 4.11
CA ASP A 218 -20.27 27.10 5.32
C ASP A 218 -18.79 26.96 4.90
N ILE A 219 -18.48 26.09 3.94
CA ILE A 219 -17.09 25.88 3.43
C ILE A 219 -16.56 27.21 2.89
N GLN A 220 -17.31 27.88 2.01
CA GLN A 220 -16.85 29.11 1.32
C GLN A 220 -16.70 30.24 2.35
N ARG A 221 -17.61 30.27 3.33
CA ARG A 221 -17.55 31.27 4.42
C ARG A 221 -16.25 31.08 5.19
N ALA A 222 -15.97 29.84 5.61
CA ALA A 222 -14.76 29.49 6.40
C ALA A 222 -13.52 29.92 5.62
N ILE A 223 -13.48 29.63 4.33
CA ILE A 223 -12.36 30.05 3.47
C ILE A 223 -12.26 31.58 3.53
N SER A 224 -13.37 32.29 3.30
CA SER A 224 -13.45 33.78 3.29
C SER A 224 -12.82 34.33 4.57
N LEU A 225 -12.87 33.59 5.69
CA LEU A 225 -12.38 34.10 7.00
C LEU A 225 -11.00 33.52 7.34
N GLY A 226 -10.27 32.93 6.38
CA GLY A 226 -8.86 32.54 6.56
C GLY A 226 -8.65 31.05 6.81
N THR A 227 -9.69 30.21 6.73
CA THR A 227 -9.52 28.73 6.74
C THR A 227 -8.81 28.35 5.43
N ALA A 228 -7.61 27.77 5.51
CA ALA A 228 -6.78 27.44 4.33
C ALA A 228 -6.51 25.94 4.24
N LYS A 229 -6.97 25.16 5.21
CA LYS A 229 -6.78 23.69 5.21
C LYS A 229 -8.10 23.06 5.66
N ILE A 230 -8.63 22.14 4.87
CA ILE A 230 -9.88 21.42 5.25
C ILE A 230 -9.59 19.92 5.26
N ASN A 231 -9.98 19.26 6.34
CA ASN A 231 -9.72 17.80 6.53
C ASN A 231 -10.93 17.02 6.00
N VAL A 232 -10.69 16.07 5.09
CA VAL A 232 -11.74 15.16 4.57
C VAL A 232 -11.28 13.71 4.70
N ASN A 233 -12.06 12.90 5.41
CA ASN A 233 -11.83 11.44 5.52
C ASN A 233 -13.12 10.68 5.18
N THR A 234 -14.20 10.92 5.90
CA THR A 234 -15.41 10.05 5.89
C THR A 234 -16.01 9.98 4.49
N GLU A 235 -15.96 11.07 3.73
CA GLU A 235 -16.57 11.17 2.38
C GLU A 235 -15.93 10.11 1.46
N ASN A 236 -14.60 9.98 1.50
CA ASN A 236 -13.87 9.01 0.64
C ASN A 236 -14.24 7.58 1.07
N GLN A 237 -14.31 7.32 2.37
CA GLN A 237 -14.69 5.99 2.91
C GLN A 237 -16.10 5.63 2.41
N ILE A 238 -17.03 6.58 2.46
CA ILE A 238 -18.43 6.41 2.02
C ILE A 238 -18.45 6.11 0.51
N ALA A 239 -17.80 6.93 -0.32
CA ALA A 239 -17.81 6.76 -1.79
C ALA A 239 -17.24 5.38 -2.14
N SER A 240 -16.13 5.00 -1.50
CA SER A 240 -15.41 3.72 -1.77
C SER A 240 -16.32 2.55 -1.39
N ALA A 241 -16.87 2.57 -0.17
CA ALA A 241 -17.70 1.45 0.32
C ALA A 241 -18.95 1.32 -0.56
N LYS A 242 -19.53 2.44 -1.00
CA LYS A 242 -20.75 2.39 -1.83
C LYS A 242 -20.40 1.72 -3.16
N LYS A 243 -19.29 2.11 -3.79
CA LYS A 243 -18.89 1.51 -5.09
C LYS A 243 -18.61 0.01 -4.91
N VAL A 244 -17.88 -0.38 -3.86
CA VAL A 244 -17.58 -1.81 -3.57
C VAL A 244 -18.90 -2.59 -3.41
N ARG A 245 -19.83 -2.09 -2.61
CA ARG A 245 -21.14 -2.76 -2.40
C ARG A 245 -21.84 -2.97 -3.75
N GLU A 246 -21.94 -1.92 -4.57
CA GLU A 246 -22.57 -2.01 -5.91
C GLU A 246 -21.89 -3.13 -6.71
N VAL A 247 -20.56 -3.09 -6.82
CA VAL A 247 -19.82 -4.02 -7.72
C VAL A 247 -20.00 -5.45 -7.20
N LEU A 248 -19.91 -5.67 -5.91
CA LEU A 248 -20.00 -7.04 -5.33
C LEU A 248 -21.43 -7.59 -5.47
N ALA A 249 -22.44 -6.73 -5.42
CA ALA A 249 -23.85 -7.15 -5.63
C ALA A 249 -24.02 -7.57 -7.09
N GLU A 250 -23.59 -6.75 -8.04
CA GLU A 250 -23.80 -6.99 -9.49
C GLU A 250 -22.94 -8.18 -9.97
N ASN A 251 -21.79 -8.44 -9.34
CA ASN A 251 -20.86 -9.52 -9.76
C ASN A 251 -20.72 -10.51 -8.63
N PRO A 252 -21.67 -11.46 -8.46
CA PRO A 252 -21.68 -12.35 -7.28
C PRO A 252 -20.48 -13.32 -7.21
N ASN A 253 -19.84 -13.59 -8.36
CA ASN A 253 -18.76 -14.60 -8.50
C ASN A 253 -17.40 -13.90 -8.52
N MET A 254 -17.36 -12.58 -8.53
CA MET A 254 -16.08 -11.81 -8.53
C MET A 254 -15.28 -12.13 -7.27
N TYR A 255 -13.98 -12.37 -7.42
CA TYR A 255 -13.06 -12.50 -6.26
C TYR A 255 -11.79 -11.64 -6.45
N ASP A 256 -11.50 -11.20 -7.68
CA ASP A 256 -10.27 -10.44 -8.00
C ASP A 256 -10.37 -9.08 -7.32
N PRO A 257 -9.51 -8.77 -6.32
CA PRO A 257 -9.68 -7.54 -5.52
C PRO A 257 -9.63 -6.26 -6.39
N ARG A 258 -8.76 -6.26 -7.39
N ARG A 258 -8.75 -6.24 -7.38
CA ARG A 258 -8.56 -5.12 -8.32
CA ARG A 258 -8.57 -5.07 -8.28
C ARG A 258 -9.90 -4.76 -8.98
C ARG A 258 -9.88 -4.77 -9.01
N LYS A 259 -10.82 -5.71 -9.06
CA LYS A 259 -12.08 -5.53 -9.83
C LYS A 259 -13.14 -4.83 -8.98
N TYR A 260 -12.97 -4.72 -7.67
CA TYR A 260 -13.92 -3.95 -6.84
C TYR A 260 -13.20 -2.81 -6.12
N LEU A 261 -11.92 -2.96 -5.77
CA LEU A 261 -11.14 -1.85 -5.15
C LEU A 261 -10.63 -0.90 -6.24
N GLY A 262 -10.51 -1.37 -7.48
CA GLY A 262 -10.17 -0.53 -8.65
C GLY A 262 -11.26 0.52 -8.88
N PRO A 263 -12.51 0.11 -9.16
CA PRO A 263 -13.62 1.06 -9.26
C PRO A 263 -13.73 1.96 -8.02
N ALA A 264 -13.61 1.38 -6.83
CA ALA A 264 -13.68 2.16 -5.56
C ALA A 264 -12.60 3.25 -5.57
N ARG A 265 -11.40 2.92 -6.02
CA ARG A 265 -10.30 3.90 -6.10
C ARG A 265 -10.79 5.09 -6.93
N ASP A 266 -11.39 4.80 -8.10
CA ASP A 266 -11.87 5.85 -9.04
C ASP A 266 -12.94 6.70 -8.33
N ALA A 267 -13.84 6.05 -7.60
CA ALA A 267 -14.87 6.77 -6.81
C ALA A 267 -14.15 7.77 -5.89
N ILE A 268 -13.16 7.29 -5.14
CA ILE A 268 -12.44 8.18 -4.18
C ILE A 268 -11.88 9.36 -4.97
N LYS A 269 -11.27 9.07 -6.12
CA LYS A 269 -10.62 10.13 -6.91
C LYS A 269 -11.65 11.20 -7.28
N GLU A 270 -12.80 10.79 -7.81
CA GLU A 270 -13.80 11.78 -8.28
C GLU A 270 -14.26 12.59 -7.07
N THR A 271 -14.48 11.90 -5.93
CA THR A 271 -14.79 12.56 -4.65
C THR A 271 -13.73 13.65 -4.42
N VAL A 272 -12.45 13.28 -4.43
CA VAL A 272 -11.35 14.22 -4.09
C VAL A 272 -11.38 15.36 -5.11
N ILE A 273 -11.58 15.02 -6.38
CA ILE A 273 -11.59 16.06 -7.45
C ILE A 273 -12.69 17.08 -7.11
N GLY A 274 -13.89 16.59 -6.77
CA GLY A 274 -15.02 17.45 -6.34
C GLY A 274 -14.56 18.44 -5.28
N LYS A 275 -14.00 17.92 -4.20
CA LYS A 275 -13.53 18.77 -3.07
C LYS A 275 -12.52 19.79 -3.59
N MET A 276 -11.59 19.37 -4.45
CA MET A 276 -10.49 20.25 -4.92
C MET A 276 -11.11 21.42 -5.69
N ARG A 277 -12.20 21.20 -6.43
CA ARG A 277 -12.88 22.28 -7.19
C ARG A 277 -13.68 23.14 -6.21
N GLU A 278 -14.32 22.49 -5.23
CA GLU A 278 -15.14 23.19 -4.21
C GLU A 278 -14.21 24.06 -3.34
N PHE A 279 -13.02 23.59 -2.99
CA PHE A 279 -12.09 24.33 -2.10
C PHE A 279 -11.34 25.40 -2.90
N GLY A 280 -11.28 25.27 -4.23
CA GLY A 280 -10.60 26.23 -5.12
C GLY A 280 -9.12 25.95 -5.24
N SER A 281 -8.67 24.76 -4.81
CA SER A 281 -7.26 24.30 -4.90
C SER A 281 -6.93 24.01 -6.36
N SER A 282 -7.91 23.60 -7.16
CA SER A 282 -7.73 23.23 -8.60
C SER A 282 -7.04 24.37 -9.36
N GLY A 283 -5.95 24.05 -10.06
CA GLY A 283 -5.21 24.99 -10.91
C GLY A 283 -4.23 25.86 -10.16
N LYS A 284 -4.07 25.66 -8.85
CA LYS A 284 -3.22 26.53 -8.00
C LYS A 284 -1.89 25.85 -7.65
N ALA A 285 -1.58 24.68 -8.22
CA ALA A 285 -0.29 24.00 -7.97
C ALA A 285 0.84 24.81 -8.59
N MET B 1 15.16 -5.72 5.58
CA MET B 1 16.61 -5.97 5.58
C MET B 1 16.89 -7.41 5.17
N PRO B 2 16.07 -8.41 5.57
CA PRO B 2 16.21 -9.78 5.05
C PRO B 2 15.62 -10.06 3.64
N LEU B 3 15.77 -9.10 2.72
CA LEU B 3 15.32 -9.18 1.31
C LEU B 3 16.41 -9.91 0.55
N VAL B 4 16.05 -11.05 -0.01
CA VAL B 4 17.03 -11.94 -0.69
C VAL B 4 16.46 -12.43 -2.03
N SER B 5 17.35 -12.97 -2.86
CA SER B 5 16.97 -13.71 -4.09
C SER B 5 16.29 -15.02 -3.66
N MET B 6 15.79 -15.79 -4.62
CA MET B 6 15.18 -17.11 -4.34
C MET B 6 16.23 -18.23 -4.27
N THR B 7 17.47 -17.98 -4.70
CA THR B 7 18.40 -19.08 -5.03
C THR B 7 18.60 -19.95 -3.78
N GLU B 8 18.93 -19.32 -2.66
CA GLU B 8 19.34 -20.07 -1.46
C GLU B 8 18.12 -20.75 -0.81
N MET B 9 17.02 -20.03 -0.64
CA MET B 9 15.84 -20.60 0.04
C MET B 9 15.36 -21.80 -0.78
N LEU B 10 15.41 -21.71 -2.12
CA LEU B 10 14.88 -22.78 -3.00
C LEU B 10 15.85 -23.96 -2.98
N ASN B 11 17.16 -23.72 -3.00
CA ASN B 11 18.16 -24.82 -2.97
C ASN B 11 18.06 -25.56 -1.63
N LYS B 12 17.88 -24.84 -0.52
CA LYS B 12 17.75 -25.49 0.81
C LYS B 12 16.40 -26.20 0.91
N ALA B 13 15.34 -25.65 0.30
CA ALA B 13 14.02 -26.30 0.29
C ALA B 13 14.13 -27.63 -0.46
N LYS B 14 14.81 -27.62 -1.61
CA LYS B 14 14.92 -28.84 -2.45
C LYS B 14 15.71 -29.89 -1.66
N ALA B 15 16.83 -29.51 -1.04
CA ALA B 15 17.71 -30.44 -0.30
C ALA B 15 16.95 -31.00 0.91
N GLU B 16 16.17 -30.16 1.61
CA GLU B 16 15.51 -30.50 2.89
C GLU B 16 14.14 -31.15 2.64
N GLY B 17 13.55 -30.94 1.46
CA GLY B 17 12.31 -31.61 1.03
C GLY B 17 11.05 -30.89 1.48
N TYR B 18 11.05 -29.57 1.46
CA TYR B 18 9.79 -28.78 1.56
C TYR B 18 9.74 -27.85 0.35
N ALA B 19 8.68 -27.05 0.28
CA ALA B 19 8.52 -26.03 -0.76
C ALA B 19 8.30 -24.68 -0.09
N VAL B 20 8.77 -23.63 -0.78
CA VAL B 20 8.51 -22.22 -0.40
C VAL B 20 7.32 -21.73 -1.21
N GLY B 21 6.41 -21.04 -0.54
CA GLY B 21 5.24 -20.47 -1.21
C GLY B 21 5.59 -19.13 -1.81
N GLN B 22 5.25 -18.95 -3.07
CA GLN B 22 5.09 -17.60 -3.67
C GLN B 22 3.63 -17.24 -3.50
N PHE B 23 3.36 -16.13 -2.85
CA PHE B 23 1.98 -15.62 -2.66
C PHE B 23 1.91 -14.27 -3.33
N ASN B 24 0.91 -14.07 -4.18
CA ASN B 24 0.91 -12.89 -5.07
C ASN B 24 0.41 -11.65 -4.33
N LEU B 25 1.06 -10.52 -4.62
CA LEU B 25 0.70 -9.19 -4.07
C LEU B 25 -0.33 -8.55 -5.00
N ASN B 26 -1.45 -8.10 -4.45
CA ASN B 26 -2.48 -7.34 -5.22
C ASN B 26 -2.62 -5.94 -4.64
N ASN B 27 -2.27 -5.70 -3.38
CA ASN B 27 -2.33 -4.36 -2.75
C ASN B 27 -1.63 -4.39 -1.40
N LEU B 28 -1.83 -3.38 -0.57
CA LEU B 28 -1.11 -3.22 0.70
C LEU B 28 -1.55 -4.35 1.63
N GLU B 29 -2.85 -4.59 1.77
CA GLU B 29 -3.39 -5.59 2.73
C GLU B 29 -2.84 -6.96 2.34
N PHE B 30 -2.73 -7.24 1.03
CA PHE B 30 -2.22 -8.54 0.54
C PHE B 30 -0.79 -8.69 1.06
N THR B 31 0.02 -7.66 0.88
CA THR B 31 1.46 -7.70 1.23
C THR B 31 1.58 -7.92 2.73
N GLN B 32 0.83 -7.14 3.50
CA GLN B 32 0.82 -7.20 4.98
C GLN B 32 0.50 -8.63 5.40
N ALA B 33 -0.58 -9.19 4.88
CA ALA B 33 -1.07 -10.53 5.25
C ALA B 33 0.06 -11.55 5.02
N ILE B 34 0.67 -11.51 3.84
CA ILE B 34 1.66 -12.54 3.47
C ILE B 34 2.89 -12.43 4.39
N LEU B 35 3.38 -11.22 4.61
CA LEU B 35 4.58 -11.02 5.46
C LEU B 35 4.26 -11.42 6.91
N LEU B 36 3.07 -11.08 7.41
CA LEU B 36 2.69 -11.43 8.81
C LEU B 36 2.59 -12.96 8.94
N ALA B 37 2.05 -13.66 7.94
CA ALA B 37 1.95 -15.14 7.95
C ALA B 37 3.37 -15.73 7.97
N ALA B 38 4.27 -15.19 7.16
CA ALA B 38 5.67 -15.65 7.06
C ALA B 38 6.31 -15.51 8.44
N GLU B 39 6.20 -14.35 9.07
CA GLU B 39 6.88 -14.10 10.36
C GLU B 39 6.28 -15.01 11.42
N GLU B 40 4.95 -15.05 11.50
CA GLU B 40 4.22 -15.89 12.49
C GLU B 40 4.67 -17.35 12.32
N GLU B 41 4.87 -17.82 11.09
CA GLU B 41 5.21 -19.25 10.83
C GLU B 41 6.73 -19.46 10.83
N LYS B 42 7.52 -18.39 10.94
CA LYS B 42 8.99 -18.47 10.80
C LYS B 42 9.29 -19.26 9.53
N SER B 43 8.72 -18.81 8.43
CA SER B 43 8.78 -19.49 7.12
C SER B 43 9.38 -18.54 6.10
N PRO B 44 10.28 -19.01 5.21
CA PRO B 44 10.66 -18.22 4.06
C PRO B 44 9.43 -18.01 3.17
N VAL B 45 9.40 -16.91 2.43
CA VAL B 45 8.24 -16.61 1.57
C VAL B 45 8.74 -15.89 0.32
N ILE B 46 7.98 -15.99 -0.77
CA ILE B 46 8.23 -15.25 -2.02
C ILE B 46 7.00 -14.38 -2.27
N LEU B 47 7.22 -13.08 -2.41
CA LEU B 47 6.14 -12.11 -2.76
C LEU B 47 6.06 -12.03 -4.28
N GLY B 48 5.07 -12.67 -4.86
CA GLY B 48 4.83 -12.67 -6.31
C GLY B 48 4.14 -11.40 -6.76
N VAL B 49 4.57 -10.85 -7.88
CA VAL B 49 3.99 -9.62 -8.47
C VAL B 49 3.90 -9.89 -9.98
N SER B 50 2.67 -10.04 -10.48
CA SER B 50 2.41 -10.04 -11.94
C SER B 50 2.64 -8.62 -12.46
N GLU B 51 2.79 -8.50 -13.78
CA GLU B 51 2.88 -7.21 -14.49
C GLU B 51 1.60 -6.40 -14.26
N GLY B 52 0.44 -7.05 -14.37
CA GLY B 52 -0.87 -6.47 -14.05
C GLY B 52 -0.91 -5.90 -12.64
N ALA B 53 -0.43 -6.69 -11.66
CA ALA B 53 -0.44 -6.32 -10.23
C ALA B 53 0.47 -5.10 -10.04
N GLY B 54 1.71 -5.19 -10.51
CA GLY B 54 2.65 -4.04 -10.48
C GLY B 54 1.98 -2.78 -10.99
N ARG B 55 1.33 -2.87 -12.14
CA ARG B 55 0.60 -1.74 -12.77
C ARG B 55 -0.52 -1.22 -11.84
N TYR B 56 -1.38 -2.11 -11.36
CA TYR B 56 -2.53 -1.75 -10.48
C TYR B 56 -2.02 -1.08 -9.19
N MET B 57 -0.88 -1.55 -8.67
CA MET B 57 -0.29 -1.01 -7.43
C MET B 57 0.53 0.26 -7.74
N GLY B 58 0.51 0.77 -8.97
CA GLY B 58 1.11 2.08 -9.35
C GLY B 58 2.47 1.94 -10.02
N GLY B 59 3.24 0.93 -9.65
CA GLY B 59 4.54 0.63 -10.30
C GLY B 59 5.42 -0.23 -9.40
N PHE B 60 6.55 -0.71 -9.92
CA PHE B 60 7.41 -1.70 -9.23
C PHE B 60 8.19 -1.01 -8.12
N LYS B 61 8.54 0.26 -8.29
CA LYS B 61 9.23 1.03 -7.23
C LYS B 61 8.30 1.16 -6.02
N THR B 62 7.03 1.44 -6.26
CA THR B 62 6.02 1.53 -5.19
C THR B 62 5.96 0.19 -4.46
N VAL B 63 5.97 -0.92 -5.20
CA VAL B 63 5.88 -2.27 -4.58
C VAL B 63 7.11 -2.53 -3.68
N VAL B 64 8.31 -2.25 -4.18
CA VAL B 64 9.56 -2.49 -3.40
C VAL B 64 9.55 -1.60 -2.17
N ASN B 65 9.13 -0.34 -2.34
CA ASN B 65 9.10 0.65 -1.23
C ASN B 65 8.15 0.17 -0.14
N MET B 66 6.96 -0.25 -0.54
CA MET B 66 5.91 -0.74 0.40
C MET B 66 6.43 -1.99 1.15
N VAL B 67 7.12 -2.89 0.45
CA VAL B 67 7.62 -4.16 1.05
C VAL B 67 8.71 -3.81 2.07
N LYS B 68 9.64 -2.92 1.70
CA LYS B 68 10.74 -2.50 2.61
C LYS B 68 10.15 -1.82 3.86
N GLY B 69 9.12 -0.99 3.68
CA GLY B 69 8.41 -0.29 4.77
C GLY B 69 7.84 -1.30 5.75
N LEU B 70 7.09 -2.28 5.24
CA LEU B 70 6.45 -3.32 6.07
C LEU B 70 7.55 -4.17 6.74
N MET B 71 8.62 -4.43 5.99
CA MET B 71 9.78 -5.23 6.47
C MET B 71 10.41 -4.54 7.69
N GLU B 72 10.40 -3.22 7.72
CA GLU B 72 10.96 -2.45 8.85
C GLU B 72 9.93 -2.35 9.98
N ASP B 73 8.67 -2.04 9.66
CA ASP B 73 7.63 -1.70 10.66
C ASP B 73 7.20 -2.96 11.42
N TYR B 74 7.15 -4.09 10.74
CA TYR B 74 6.76 -5.39 11.35
C TYR B 74 8.01 -6.14 11.82
N LYS B 75 9.19 -5.56 11.60
CA LYS B 75 10.49 -6.17 11.99
C LYS B 75 10.57 -7.63 11.54
N ILE B 76 10.44 -7.87 10.24
CA ILE B 76 10.52 -9.22 9.62
C ILE B 76 11.94 -9.76 9.73
N THR B 77 12.08 -11.01 10.15
CA THR B 77 13.38 -11.70 10.33
C THR B 77 13.52 -12.82 9.30
N VAL B 78 12.42 -13.33 8.75
CA VAL B 78 12.44 -14.48 7.82
C VAL B 78 12.95 -14.04 6.45
N PRO B 79 13.49 -14.97 5.62
CA PRO B 79 13.88 -14.66 4.25
C PRO B 79 12.66 -14.30 3.38
N VAL B 80 12.78 -13.21 2.63
CA VAL B 80 11.66 -12.66 1.80
C VAL B 80 12.21 -12.29 0.43
N ALA B 81 11.58 -12.80 -0.62
CA ALA B 81 11.92 -12.47 -2.03
C ALA B 81 10.79 -11.63 -2.63
N ILE B 82 11.16 -10.70 -3.51
CA ILE B 82 10.22 -9.96 -4.38
C ILE B 82 10.48 -10.41 -5.81
N HIS B 83 9.48 -11.11 -6.38
CA HIS B 83 9.68 -11.94 -7.59
C HIS B 83 8.68 -11.51 -8.64
N LEU B 84 9.18 -11.18 -9.83
CA LEU B 84 8.30 -10.86 -10.98
C LEU B 84 7.72 -12.18 -11.48
N ASP B 85 6.40 -12.32 -11.43
CA ASP B 85 5.70 -13.53 -11.94
C ASP B 85 5.40 -13.32 -13.42
N HIS B 86 5.67 -14.34 -14.24
CA HIS B 86 5.31 -14.39 -15.69
C HIS B 86 5.79 -13.11 -16.37
N GLY B 87 7.06 -12.75 -16.16
CA GLY B 87 7.73 -11.67 -16.92
C GLY B 87 7.59 -11.90 -18.43
N SER B 88 7.03 -10.93 -19.13
CA SER B 88 6.63 -11.04 -20.56
C SER B 88 7.84 -10.80 -21.47
N SER B 89 8.90 -10.15 -21.00
CA SER B 89 10.05 -9.74 -21.86
C SER B 89 11.32 -9.53 -21.01
N PHE B 90 12.47 -9.40 -21.66
CA PHE B 90 13.74 -9.01 -21.01
C PHE B 90 13.59 -7.63 -20.40
N GLU B 91 12.92 -6.72 -21.12
CA GLU B 91 12.82 -5.29 -20.74
C GLU B 91 12.07 -5.18 -19.40
N LYS B 92 11.01 -5.98 -19.26
CA LYS B 92 10.20 -6.04 -18.02
C LYS B 92 11.08 -6.49 -16.85
N CYS B 93 11.87 -7.54 -17.06
CA CYS B 93 12.78 -8.09 -16.03
C CYS B 93 13.80 -7.02 -15.63
N LYS B 94 14.34 -6.28 -16.59
CA LYS B 94 15.33 -5.21 -16.32
C LYS B 94 14.68 -4.08 -15.51
N GLU B 95 13.51 -3.60 -15.91
CA GLU B 95 12.79 -2.52 -15.19
C GLU B 95 12.54 -2.95 -13.75
N VAL B 96 12.02 -4.15 -13.60
CA VAL B 96 11.67 -4.73 -12.26
C VAL B 96 12.94 -4.86 -11.42
N ILE B 97 14.05 -5.30 -12.00
CA ILE B 97 15.35 -5.42 -11.27
C ILE B 97 15.86 -4.02 -10.89
N ASP B 98 15.80 -3.05 -11.80
CA ASP B 98 16.28 -1.67 -11.52
C ASP B 98 15.43 -1.03 -10.41
N ALA B 99 14.17 -1.43 -10.27
CA ALA B 99 13.27 -0.99 -9.17
C ALA B 99 13.71 -1.59 -7.81
N GLY B 100 14.40 -2.74 -7.81
CA GLY B 100 14.89 -3.36 -6.56
C GLY B 100 14.24 -4.71 -6.27
N PHE B 101 13.61 -5.35 -7.26
CA PHE B 101 13.18 -6.77 -7.14
C PHE B 101 14.42 -7.64 -6.95
N THR B 102 14.25 -8.75 -6.25
CA THR B 102 15.37 -9.68 -5.96
C THR B 102 15.27 -10.91 -6.86
N SER B 103 14.27 -10.97 -7.72
CA SER B 103 13.94 -12.23 -8.44
C SER B 103 13.02 -11.91 -9.59
N VAL B 104 13.18 -12.65 -10.68
CA VAL B 104 12.34 -12.49 -11.88
C VAL B 104 12.02 -13.87 -12.44
N MET B 105 10.81 -14.00 -12.99
CA MET B 105 10.47 -15.11 -13.89
C MET B 105 10.38 -14.54 -15.29
N ILE B 106 11.14 -15.08 -16.22
CA ILE B 106 10.98 -14.77 -17.67
C ILE B 106 10.21 -15.92 -18.30
N ASP B 107 9.01 -15.64 -18.79
CA ASP B 107 8.11 -16.66 -19.39
C ASP B 107 8.06 -16.41 -20.88
N ALA B 108 8.91 -17.12 -21.63
CA ALA B 108 8.88 -17.16 -23.11
C ALA B 108 8.40 -18.54 -23.54
N SER B 109 7.48 -19.14 -22.79
CA SER B 109 6.93 -20.50 -23.07
C SER B 109 6.07 -20.49 -24.34
N HIS B 110 5.37 -19.39 -24.64
CA HIS B 110 4.43 -19.26 -25.79
C HIS B 110 5.19 -18.95 -27.08
N HIS B 111 6.53 -18.99 -27.02
CA HIS B 111 7.46 -18.71 -28.15
C HIS B 111 8.13 -20.03 -28.54
N PRO B 112 8.75 -20.14 -29.74
CA PRO B 112 9.61 -21.26 -30.04
C PRO B 112 10.71 -21.42 -28.96
N PHE B 113 11.16 -22.66 -28.80
CA PHE B 113 12.13 -23.09 -27.76
C PHE B 113 13.40 -22.24 -27.83
N GLU B 114 14.03 -22.16 -29.01
CA GLU B 114 15.34 -21.49 -29.17
C GLU B 114 15.19 -20.01 -28.80
N GLU B 115 14.09 -19.37 -29.24
CA GLU B 115 13.79 -17.95 -28.95
C GLU B 115 13.54 -17.75 -27.46
N ASN B 116 13.08 -18.79 -26.76
CA ASN B 116 12.94 -18.80 -25.28
C ASN B 116 14.34 -18.78 -24.66
N VAL B 117 15.24 -19.64 -25.16
CA VAL B 117 16.62 -19.76 -24.62
C VAL B 117 17.32 -18.42 -24.75
N GLU B 118 17.19 -17.76 -25.90
CA GLU B 118 17.90 -16.47 -26.16
C GLU B 118 17.54 -15.48 -25.04
N VAL B 119 16.25 -15.21 -24.85
CA VAL B 119 15.77 -14.12 -23.95
C VAL B 119 15.98 -14.54 -22.49
N THR B 120 15.79 -15.81 -22.14
CA THR B 120 16.02 -16.34 -20.77
C THR B 120 17.51 -16.20 -20.42
N LYS B 121 18.39 -16.51 -21.37
CA LYS B 121 19.85 -16.40 -21.11
C LYS B 121 20.18 -14.91 -20.91
N LYS B 122 19.64 -14.04 -21.75
CA LYS B 122 19.87 -12.58 -21.66
C LYS B 122 19.46 -12.09 -20.26
N VAL B 123 18.30 -12.54 -19.78
CA VAL B 123 17.79 -12.13 -18.44
C VAL B 123 18.73 -12.66 -17.36
N VAL B 124 19.27 -13.88 -17.52
CA VAL B 124 20.18 -14.50 -16.53
C VAL B 124 21.47 -13.69 -16.44
N GLU B 125 21.97 -13.21 -17.58
CA GLU B 125 23.21 -12.42 -17.57
C GLU B 125 23.00 -11.14 -16.77
N TYR B 126 21.91 -10.46 -17.04
CA TYR B 126 21.60 -9.18 -16.39
C TYR B 126 21.35 -9.36 -14.90
N ALA B 127 20.55 -10.37 -14.58
CA ALA B 127 20.09 -10.59 -13.19
C ALA B 127 21.26 -11.11 -12.34
N HIS B 128 21.97 -12.13 -12.83
CA HIS B 128 23.05 -12.79 -12.06
C HIS B 128 24.13 -11.75 -11.75
N ALA B 129 24.29 -10.75 -12.60
CA ALA B 129 25.24 -9.67 -12.31
C ALA B 129 24.76 -8.90 -11.06
N ARG B 130 23.50 -9.06 -10.62
CA ARG B 130 22.96 -8.20 -9.55
C ARG B 130 22.43 -8.99 -8.34
N GLY B 131 22.74 -10.28 -8.22
CA GLY B 131 22.22 -11.12 -7.12
C GLY B 131 20.72 -11.38 -7.25
N VAL B 132 20.18 -11.36 -8.46
CA VAL B 132 18.74 -11.61 -8.73
C VAL B 132 18.59 -13.04 -9.25
N SER B 133 17.68 -13.80 -8.66
CA SER B 133 17.39 -15.17 -9.12
C SER B 133 16.50 -15.10 -10.36
N VAL B 134 16.60 -16.12 -11.21
CA VAL B 134 15.83 -16.18 -12.49
C VAL B 134 15.12 -17.53 -12.58
N GLU B 135 13.81 -17.48 -12.82
CA GLU B 135 12.96 -18.64 -13.15
C GLU B 135 12.61 -18.60 -14.63
N ALA B 136 12.49 -19.76 -15.25
CA ALA B 136 12.05 -19.93 -16.65
C ALA B 136 10.98 -21.02 -16.72
N GLU B 137 10.15 -20.96 -17.74
CA GLU B 137 9.08 -21.95 -17.97
C GLU B 137 9.29 -22.64 -19.31
N LEU B 138 9.01 -23.93 -19.36
CA LEU B 138 8.70 -24.64 -20.63
C LEU B 138 7.36 -25.35 -20.48
N GLY B 139 6.71 -25.59 -21.62
CA GLY B 139 5.29 -25.97 -21.67
C GLY B 139 4.40 -24.78 -21.34
N THR B 140 3.09 -24.98 -21.38
CA THR B 140 2.08 -23.90 -21.18
C THR B 140 1.16 -24.27 -20.04
N VAL B 141 0.97 -23.34 -19.10
CA VAL B 141 0.02 -23.47 -17.95
C VAL B 141 -1.32 -22.85 -18.35
N GLY B 142 -2.42 -23.57 -18.09
CA GLY B 142 -3.77 -23.14 -18.49
C GLY B 142 -4.25 -21.92 -17.72
N GLY B 143 -5.28 -21.23 -18.24
CA GLY B 143 -5.90 -20.05 -17.60
C GLY B 143 -7.43 -20.13 -17.62
N GLY B 152 -5.91 -25.07 -21.95
CA GLY B 152 -4.79 -24.58 -22.78
C GLY B 152 -3.45 -25.00 -22.21
N VAL B 153 -3.20 -26.31 -22.14
CA VAL B 153 -1.96 -26.88 -21.54
C VAL B 153 -1.17 -27.57 -22.65
N ILE B 154 0.08 -27.15 -22.82
CA ILE B 154 1.06 -27.82 -23.74
C ILE B 154 2.23 -28.28 -22.88
N TYR B 155 2.46 -29.59 -22.77
CA TYR B 155 3.43 -30.22 -21.84
C TYR B 155 4.87 -29.83 -22.18
N ALA B 156 5.72 -29.77 -21.16
CA ALA B 156 7.17 -29.50 -21.27
C ALA B 156 7.91 -30.80 -21.59
N ASP B 157 8.90 -30.71 -22.50
CA ASP B 157 9.76 -31.85 -22.93
C ASP B 157 10.98 -31.91 -22.01
N PRO B 158 11.19 -33.05 -21.30
CA PRO B 158 12.29 -33.16 -20.33
C PRO B 158 13.68 -32.83 -20.90
N LYS B 159 13.92 -33.17 -22.16
CA LYS B 159 15.24 -32.87 -22.77
C LYS B 159 15.29 -31.39 -23.18
N GLU B 160 14.16 -30.83 -23.57
CA GLU B 160 14.04 -29.36 -23.76
C GLU B 160 14.37 -28.68 -22.43
N CYS B 161 13.82 -29.19 -21.30
CA CYS B 161 14.10 -28.68 -19.94
C CYS B 161 15.60 -28.74 -19.66
N GLU B 162 16.18 -29.91 -19.91
CA GLU B 162 17.62 -30.14 -19.67
C GLU B 162 18.43 -29.10 -20.44
N GLU B 163 18.14 -28.99 -21.73
CA GLU B 163 18.88 -28.07 -22.64
C GLU B 163 18.72 -26.63 -22.15
N LEU B 164 17.51 -26.21 -21.76
CA LEU B 164 17.27 -24.78 -21.39
C LEU B 164 18.10 -24.45 -20.17
N VAL B 165 18.11 -25.33 -19.17
CA VAL B 165 18.88 -25.08 -17.92
C VAL B 165 20.38 -25.08 -18.23
N LYS B 166 20.87 -26.07 -18.97
CA LYS B 166 22.32 -26.15 -19.34
C LYS B 166 22.70 -24.87 -20.08
N ARG B 167 21.82 -24.39 -20.95
CA ARG B 167 22.12 -23.27 -21.87
C ARG B 167 22.00 -21.90 -21.17
N THR B 168 21.17 -21.75 -20.14
CA THR B 168 20.87 -20.40 -19.57
C THR B 168 21.52 -20.22 -18.20
N GLY B 169 21.54 -21.26 -17.36
CA GLY B 169 22.03 -21.18 -15.96
C GLY B 169 21.00 -20.60 -15.02
N ILE B 170 19.70 -20.73 -15.35
CA ILE B 170 18.58 -20.33 -14.47
C ILE B 170 18.72 -21.05 -13.13
N ASP B 171 18.11 -20.49 -12.09
CA ASP B 171 18.27 -21.00 -10.71
C ASP B 171 17.13 -21.98 -10.38
N CYS B 172 16.03 -21.95 -11.14
CA CYS B 172 14.88 -22.89 -10.97
C CYS B 172 14.04 -22.91 -12.25
N LEU B 173 13.31 -24.00 -12.47
CA LEU B 173 12.47 -24.16 -13.69
C LEU B 173 11.02 -24.45 -13.32
N ALA B 174 10.13 -23.93 -14.15
CA ALA B 174 8.66 -24.13 -14.07
C ALA B 174 8.25 -25.02 -15.24
N PRO B 175 8.23 -26.36 -15.07
CA PRO B 175 7.73 -27.26 -16.11
C PRO B 175 6.20 -27.38 -16.05
N ALA B 176 5.50 -26.82 -17.05
CA ALA B 176 4.03 -26.95 -17.18
C ALA B 176 3.67 -28.42 -17.42
N LEU B 177 2.95 -29.05 -16.49
CA LEU B 177 2.62 -30.50 -16.54
C LEU B 177 1.18 -30.74 -16.07
N GLY B 178 0.26 -29.87 -16.49
CA GLY B 178 -1.19 -30.05 -16.23
C GLY B 178 -1.78 -28.95 -15.35
N SER B 179 -0.96 -28.08 -14.75
CA SER B 179 -1.41 -26.99 -13.83
C SER B 179 -2.22 -25.95 -14.62
N VAL B 180 -3.20 -25.34 -13.95
CA VAL B 180 -4.13 -24.35 -14.58
C VAL B 180 -4.31 -23.17 -13.62
N HIS B 181 -4.45 -21.96 -14.16
CA HIS B 181 -4.76 -20.74 -13.39
C HIS B 181 -6.26 -20.69 -13.07
N GLY B 182 -6.61 -19.92 -12.04
CA GLY B 182 -7.97 -19.87 -11.50
C GLY B 182 -8.19 -21.05 -10.56
N PRO B 183 -9.47 -21.36 -10.24
CA PRO B 183 -9.80 -22.56 -9.47
C PRO B 183 -9.70 -23.88 -10.28
N ASN B 189 -4.49 -33.30 -12.47
CA ASN B 189 -3.97 -34.29 -13.45
C ASN B 189 -2.55 -33.89 -13.89
N LEU B 190 -1.56 -34.08 -13.01
CA LEU B 190 -0.17 -33.59 -13.19
C LEU B 190 0.74 -34.75 -13.62
N GLY B 191 1.70 -34.46 -14.49
CA GLY B 191 2.64 -35.45 -15.04
C GLY B 191 3.81 -35.73 -14.11
N PHE B 192 3.59 -36.50 -13.04
CA PHE B 192 4.70 -36.78 -12.11
C PHE B 192 5.79 -37.59 -12.82
N LYS B 193 5.40 -38.37 -13.84
CA LYS B 193 6.44 -39.14 -14.56
C LYS B 193 7.42 -38.16 -15.17
N GLU B 194 6.91 -37.15 -15.86
CA GLU B 194 7.78 -36.13 -16.51
C GLU B 194 8.45 -35.30 -15.43
N MET B 195 7.67 -34.88 -14.44
CA MET B 195 8.18 -33.95 -13.40
C MET B 195 9.33 -34.64 -12.66
N GLU B 196 9.12 -35.89 -12.22
CA GLU B 196 10.16 -36.68 -11.51
C GLU B 196 11.45 -36.61 -12.33
N GLU B 197 11.40 -36.87 -13.63
CA GLU B 197 12.73 -36.97 -14.27
C GLU B 197 13.18 -35.70 -14.95
N ILE B 198 12.34 -34.68 -15.11
CA ILE B 198 12.85 -33.29 -15.34
C ILE B 198 13.66 -32.91 -14.11
N GLY B 199 13.18 -33.27 -12.92
CA GLY B 199 13.88 -33.03 -11.65
C GLY B 199 15.22 -33.72 -11.62
N ARG B 200 15.25 -34.99 -12.04
CA ARG B 200 16.50 -35.80 -12.01
C ARG B 200 17.48 -35.24 -13.05
N ILE B 201 16.97 -34.94 -14.25
CA ILE B 201 17.79 -34.61 -15.45
C ILE B 201 18.29 -33.16 -15.37
N THR B 202 17.56 -32.29 -14.66
CA THR B 202 17.77 -30.83 -14.63
C THR B 202 18.66 -30.44 -13.45
N GLY B 203 18.41 -31.02 -12.27
CA GLY B 203 19.18 -30.79 -11.04
C GLY B 203 18.94 -29.40 -10.47
N VAL B 204 17.85 -28.72 -10.82
CA VAL B 204 17.51 -27.40 -10.22
C VAL B 204 16.14 -27.53 -9.58
N PRO B 205 15.83 -26.68 -8.57
CA PRO B 205 14.49 -26.66 -7.99
C PRO B 205 13.40 -26.44 -9.04
N LEU B 206 12.30 -27.16 -8.87
CA LEU B 206 11.16 -27.06 -9.82
C LEU B 206 10.11 -26.12 -9.22
N VAL B 207 9.42 -25.42 -10.12
CA VAL B 207 8.35 -24.45 -9.76
C VAL B 207 7.02 -25.02 -10.24
N LEU B 208 6.01 -24.98 -9.38
CA LEU B 208 4.66 -25.47 -9.70
C LEU B 208 3.71 -24.26 -9.74
N HIS B 209 3.26 -23.91 -10.95
CA HIS B 209 2.27 -22.81 -11.19
C HIS B 209 0.84 -23.32 -10.94
N GLY B 210 -0.12 -22.40 -10.86
CA GLY B 210 -1.54 -22.74 -10.70
C GLY B 210 -1.79 -23.45 -9.37
N GLY B 211 -1.03 -23.08 -8.34
CA GLY B 211 -1.07 -23.75 -7.02
C GLY B 211 -2.47 -23.83 -6.45
N THR B 212 -3.39 -22.93 -6.82
CA THR B 212 -4.77 -22.92 -6.31
C THR B 212 -5.51 -24.13 -6.89
N GLY B 213 -6.23 -24.86 -6.02
CA GLY B 213 -6.95 -26.09 -6.39
C GLY B 213 -6.13 -27.34 -6.03
N ILE B 214 -4.87 -27.40 -6.48
CA ILE B 214 -3.95 -28.57 -6.30
C ILE B 214 -4.06 -29.09 -4.86
N PRO B 215 -4.54 -30.41 -4.54
CA PRO B 215 -4.85 -31.29 -3.15
C PRO B 215 -3.48 -31.34 -2.45
N THR B 216 -3.51 -31.58 -1.15
CA THR B 216 -2.28 -31.71 -0.34
C THR B 216 -1.46 -32.88 -0.89
N LYS B 217 -2.12 -33.98 -1.21
CA LYS B 217 -1.49 -35.18 -1.80
C LYS B 217 -0.73 -34.83 -3.08
N ASP B 218 -1.31 -34.11 -4.06
CA ASP B 218 -0.45 -33.81 -5.24
C ASP B 218 0.71 -32.91 -4.82
N ILE B 219 0.46 -31.97 -3.90
CA ILE B 219 1.47 -30.99 -3.42
C ILE B 219 2.67 -31.77 -2.88
N GLN B 220 2.44 -32.69 -1.95
CA GLN B 220 3.53 -33.41 -1.24
C GLN B 220 4.28 -34.29 -2.25
N ARG B 221 3.57 -34.94 -3.17
CA ARG B 221 4.22 -35.80 -4.18
C ARG B 221 5.11 -34.91 -5.05
N ALA B 222 4.63 -33.75 -5.46
CA ALA B 222 5.39 -32.80 -6.30
C ALA B 222 6.64 -32.35 -5.53
N ILE B 223 6.50 -32.05 -4.25
CA ILE B 223 7.66 -31.78 -3.35
C ILE B 223 8.65 -32.94 -3.49
N SER B 224 8.19 -34.17 -3.25
CA SER B 224 9.00 -35.41 -3.25
C SER B 224 9.88 -35.48 -4.50
N LEU B 225 9.41 -34.96 -5.63
CA LEU B 225 10.12 -35.11 -6.94
C LEU B 225 10.72 -33.79 -7.41
N GLY B 226 11.07 -32.89 -6.46
CA GLY B 226 11.98 -31.76 -6.70
C GLY B 226 11.28 -30.40 -6.82
N THR B 227 9.96 -30.34 -6.69
CA THR B 227 9.24 -29.03 -6.65
C THR B 227 9.59 -28.32 -5.33
N ALA B 228 10.19 -27.15 -5.40
CA ALA B 228 10.65 -26.38 -4.22
C ALA B 228 9.96 -25.01 -4.15
N LYS B 229 9.15 -24.66 -5.17
CA LYS B 229 8.46 -23.35 -5.22
C LYS B 229 7.03 -23.62 -5.70
N ILE B 230 6.02 -23.19 -4.96
CA ILE B 230 4.60 -23.32 -5.37
C ILE B 230 3.92 -21.95 -5.36
N ASN B 231 3.26 -21.59 -6.47
CA ASN B 231 2.67 -20.25 -6.69
C ASN B 231 1.20 -20.27 -6.28
N VAL B 232 0.80 -19.35 -5.39
CA VAL B 232 -0.61 -19.22 -4.92
C VAL B 232 -1.02 -17.76 -5.01
N ASN B 233 -2.05 -17.50 -5.80
CA ASN B 233 -2.61 -16.13 -5.98
C ASN B 233 -4.13 -16.20 -5.74
N THR B 234 -4.83 -17.05 -6.49
CA THR B 234 -6.31 -17.05 -6.60
C THR B 234 -6.95 -17.39 -5.26
N GLU B 235 -6.41 -18.35 -4.51
N GLU B 235 -6.39 -18.36 -4.53
CA GLU B 235 -6.98 -18.79 -3.21
CA GLU B 235 -6.93 -18.81 -3.21
C GLU B 235 -7.10 -17.58 -2.27
C GLU B 235 -7.09 -17.59 -2.28
N ASN B 236 -6.09 -16.72 -2.26
CA ASN B 236 -6.07 -15.51 -1.39
C ASN B 236 -7.14 -14.53 -1.87
N GLN B 237 -7.27 -14.35 -3.17
CA GLN B 237 -8.30 -13.44 -3.74
C GLN B 237 -9.68 -13.97 -3.30
N ILE B 238 -9.90 -15.28 -3.42
CA ILE B 238 -11.21 -15.93 -3.05
C ILE B 238 -11.49 -15.69 -1.56
N ALA B 239 -10.55 -16.03 -0.67
CA ALA B 239 -10.73 -15.89 0.79
C ALA B 239 -10.99 -14.42 1.16
N SER B 240 -10.24 -13.49 0.56
CA SER B 240 -10.35 -12.04 0.84
C SER B 240 -11.73 -11.53 0.40
N ALA B 241 -12.16 -11.81 -0.83
CA ALA B 241 -13.42 -11.29 -1.39
C ALA B 241 -14.58 -11.89 -0.61
N LYS B 242 -14.44 -13.14 -0.18
CA LYS B 242 -15.50 -13.86 0.55
C LYS B 242 -15.66 -13.20 1.93
N LYS B 243 -14.56 -12.91 2.62
CA LYS B 243 -14.64 -12.25 3.94
C LYS B 243 -15.23 -10.84 3.76
N VAL B 244 -14.82 -10.12 2.72
CA VAL B 244 -15.34 -8.75 2.44
C VAL B 244 -16.86 -8.82 2.29
N ARG B 245 -17.37 -9.75 1.49
CA ARG B 245 -18.82 -9.96 1.30
C ARG B 245 -19.49 -10.22 2.65
N GLU B 246 -18.95 -11.14 3.45
CA GLU B 246 -19.56 -11.52 4.74
C GLU B 246 -19.66 -10.26 5.62
N VAL B 247 -18.58 -9.50 5.76
CA VAL B 247 -18.52 -8.35 6.69
C VAL B 247 -19.47 -7.23 6.18
N LEU B 248 -19.47 -6.94 4.87
CA LEU B 248 -20.35 -5.85 4.36
C LEU B 248 -21.81 -6.28 4.50
N ALA B 249 -22.12 -7.57 4.36
CA ALA B 249 -23.51 -8.09 4.50
C ALA B 249 -23.99 -7.95 5.95
N GLU B 250 -23.17 -8.36 6.93
CA GLU B 250 -23.56 -8.32 8.36
C GLU B 250 -23.71 -6.86 8.79
N ASN B 251 -22.89 -5.95 8.25
CA ASN B 251 -22.87 -4.52 8.67
C ASN B 251 -23.20 -3.64 7.47
N PRO B 252 -24.49 -3.51 7.09
CA PRO B 252 -24.85 -2.69 5.93
C PRO B 252 -24.56 -1.18 6.09
N ASN B 253 -24.31 -0.72 7.32
CA ASN B 253 -24.00 0.72 7.58
C ASN B 253 -22.49 1.00 7.49
N MET B 254 -21.66 -0.04 7.36
CA MET B 254 -20.18 0.09 7.41
C MET B 254 -19.68 0.84 6.16
N TYR B 255 -18.82 1.84 6.36
CA TYR B 255 -18.10 2.55 5.28
C TYR B 255 -16.59 2.62 5.56
N ASP B 256 -16.15 2.35 6.81
CA ASP B 256 -14.72 2.44 7.17
C ASP B 256 -13.98 1.31 6.47
N PRO B 257 -13.08 1.61 5.51
CA PRO B 257 -12.41 0.56 4.73
C PRO B 257 -11.66 -0.45 5.60
N ARG B 258 -11.07 -0.02 6.71
N ARG B 258 -11.09 0.01 6.71
CA ARG B 258 -10.30 -0.95 7.56
CA ARG B 258 -10.31 -0.85 7.64
C ARG B 258 -11.27 -1.93 8.25
C ARG B 258 -11.26 -1.90 8.24
N LYS B 259 -12.50 -1.53 8.56
CA LYS B 259 -13.43 -2.43 9.25
C LYS B 259 -13.88 -3.61 8.37
N TYR B 260 -13.64 -3.59 7.05
CA TYR B 260 -13.91 -4.78 6.18
C TYR B 260 -12.66 -5.27 5.46
N LEU B 261 -11.63 -4.45 5.25
CA LEU B 261 -10.37 -4.91 4.61
C LEU B 261 -9.42 -5.49 5.67
N GLY B 262 -9.57 -5.13 6.96
CA GLY B 262 -8.83 -5.78 8.05
C GLY B 262 -9.19 -7.26 8.13
N PRO B 263 -10.48 -7.59 8.35
CA PRO B 263 -10.94 -8.97 8.32
C PRO B 263 -10.44 -9.72 7.07
N ALA B 264 -10.49 -9.07 5.90
CA ALA B 264 -10.03 -9.68 4.63
C ALA B 264 -8.54 -9.97 4.75
N ARG B 265 -7.78 -9.08 5.36
CA ARG B 265 -6.32 -9.26 5.56
C ARG B 265 -6.12 -10.49 6.44
N ASP B 266 -6.92 -10.62 7.49
CA ASP B 266 -6.79 -11.74 8.45
C ASP B 266 -7.13 -13.05 7.73
N ALA B 267 -8.16 -13.06 6.89
CA ALA B 267 -8.52 -14.21 6.04
C ALA B 267 -7.33 -14.59 5.14
N ILE B 268 -6.75 -13.63 4.43
CA ILE B 268 -5.56 -13.90 3.57
C ILE B 268 -4.45 -14.50 4.44
N LYS B 269 -4.19 -13.92 5.59
CA LYS B 269 -3.10 -14.40 6.48
C LYS B 269 -3.35 -15.87 6.83
N GLU B 270 -4.58 -16.24 7.20
CA GLU B 270 -4.91 -17.62 7.66
C GLU B 270 -4.74 -18.60 6.49
N THR B 271 -5.22 -18.23 5.30
CA THR B 271 -5.04 -19.02 4.05
C THR B 271 -3.54 -19.28 3.83
N VAL B 272 -2.73 -18.22 3.91
CA VAL B 272 -1.27 -18.29 3.62
C VAL B 272 -0.60 -19.16 4.68
N ILE B 273 -1.03 -19.05 5.93
CA ILE B 273 -0.46 -19.89 7.03
C ILE B 273 -0.73 -21.37 6.70
N GLY B 274 -1.97 -21.69 6.29
CA GLY B 274 -2.34 -23.06 5.87
C GLY B 274 -1.42 -23.56 4.77
N LYS B 275 -1.19 -22.75 3.74
CA LYS B 275 -0.32 -23.10 2.60
C LYS B 275 1.10 -23.34 3.09
N MET B 276 1.60 -22.47 3.97
CA MET B 276 2.99 -22.58 4.48
C MET B 276 3.16 -23.90 5.23
N ARG B 277 2.14 -24.31 6.00
CA ARG B 277 2.21 -25.58 6.78
C ARG B 277 2.13 -26.78 5.83
N GLU B 278 1.25 -26.71 4.82
CA GLU B 278 1.05 -27.79 3.82
C GLU B 278 2.33 -27.97 2.99
N PHE B 279 3.05 -26.89 2.69
CA PHE B 279 4.29 -26.92 1.86
C PHE B 279 5.49 -27.35 2.72
N GLY B 280 5.42 -27.13 4.03
CA GLY B 280 6.49 -27.49 4.98
C GLY B 280 7.54 -26.39 5.13
N SER B 281 7.27 -25.17 4.67
CA SER B 281 8.17 -23.99 4.87
C SER B 281 8.12 -23.52 6.34
N SER B 282 7.01 -23.76 7.04
CA SER B 282 6.85 -23.36 8.45
C SER B 282 7.99 -23.93 9.30
N GLY B 283 8.69 -23.08 10.04
CA GLY B 283 9.81 -23.49 10.91
C GLY B 283 11.15 -23.56 10.19
N LYS B 284 11.21 -23.23 8.89
CA LYS B 284 12.45 -23.39 8.10
C LYS B 284 13.19 -22.05 7.93
N ALA B 285 12.61 -20.94 8.39
CA ALA B 285 13.32 -19.64 8.40
C ALA B 285 14.34 -19.67 9.54
P 13P C . -14.50 13.72 8.46
O1P 13P C . -14.64 12.28 8.88
O2P 13P C . -14.05 13.82 7.04
O3P 13P C . -15.76 14.51 8.75
O1 13P C . -13.32 14.35 9.39
C1 13P C . -12.13 14.91 8.80
C2 13P C . -11.20 15.46 9.86
O2 13P C . -11.40 16.54 10.34
C3 13P C . -10.01 14.67 10.32
O3 13P C . -9.18 15.44 11.17
P 13P D . -3.57 -19.57 -9.20
O1P 13P D . -3.43 -21.05 -9.01
O2P 13P D . -3.51 -18.82 -7.90
O3P 13P D . -4.82 -19.22 -9.99
O1 13P D . -2.32 -19.04 -10.09
C1 13P D . -1.03 -18.93 -9.50
C2 13P D . -0.03 -18.35 -10.47
O2 13P D . 0.57 -19.05 -11.28
C3 13P D . 0.21 -16.88 -10.38
O3 13P D . 1.16 -16.57 -9.39
#